data_1WHT
#
_entry.id   1WHT
#
_cell.length_a   95.500
_cell.length_b   95.500
_cell.length_c   208.600
_cell.angle_alpha   90.00
_cell.angle_beta   90.00
_cell.angle_gamma   90.00
#
_symmetry.space_group_name_H-M   'P 41 21 2'
#
loop_
_entity.id
_entity.type
_entity.pdbx_description
1 polymer 'SERINE CARBOXYPEPTIDASE II'
2 polymer 'SERINE CARBOXYPEPTIDASE II'
3 branched alpha-L-fucopyranose-(1-3)-[2-acetamido-2-deoxy-alpha-D-glucopyranose-(1-4)]2-acetamido-2-deoxy-beta-D-glucopyranose
4 branched 2-acetamido-2-deoxy-beta-D-glucopyranose-(1-4)-2-acetamido-2-deoxy-beta-D-glucopyranose
5 non-polymer 2-acetamido-2-deoxy-beta-D-glucopyranose
6 non-polymer 'L-BENZYLSUCCINIC ACID'
7 water water
#
loop_
_entity_poly.entity_id
_entity_poly.type
_entity_poly.pdbx_seq_one_letter_code
_entity_poly.pdbx_strand_id
1 'polypeptide(L)'
;GHAADRIARLPGQPAVDFDMYSGYITVDEGAGRSLFYLLQEAPEDAQPAPLVLWLNGGPGCSSVAYGASEELGAFRVKPR
GAGLVLNEYRWNKVANVLFLDSPAGVGFSYTNTSSDIYTSGDNRTAHDSYAFLAKWFERFPHYKYRDFYIAGESYAGHYV
PELSQLVHRSKNPVINLKGFMVGNGLIDDYHDYVGTFEFWWNHGIVSDDTYRRLKEACLHDSFIHPSPACDAATDVATAE
QGNIDMYSLYTPVCNI
;
A
2 'polypeptide(L)'
;SYDPCTERYSTAYYNRRDVQMALHANVTGAMNYTWATCSDTINTHWHDAPRSMLPIYRELIAAGLRIWVFSGDTDAVVPL
TATRYSIGALGLPTTTSWYPWYDDQEVGGWSQVYKGLTLVSVRGAGHEVPLHRPRQALVLFQYFLQGKPMPGQ
;
B
#
loop_
_chem_comp.id
_chem_comp.type
_chem_comp.name
_chem_comp.formula
BZS non-polymer 'L-BENZYLSUCCINIC ACID' 'C11 H12 O4'
FUC L-saccharide, alpha linking alpha-L-fucopyranose 'C6 H12 O5'
NAG D-saccharide, beta linking 2-acetamido-2-deoxy-beta-D-glucopyranose 'C8 H15 N O6'
NDG D-saccharide, alpha linking 2-acetamido-2-deoxy-alpha-D-glucopyranose 'C8 H15 N O6'
#
# COMPACT_ATOMS: atom_id res chain seq x y z
N GLY A 1 18.22 -16.16 -12.10
CA GLY A 1 19.37 -15.77 -11.34
C GLY A 1 19.02 -14.79 -10.20
N HIS A 2 18.51 -15.32 -9.05
CA HIS A 2 18.25 -14.42 -7.92
C HIS A 2 19.56 -13.78 -7.48
N ALA A 3 20.68 -14.54 -7.58
CA ALA A 3 21.98 -14.01 -7.21
C ALA A 3 22.34 -12.74 -7.94
N ALA A 4 21.99 -12.69 -9.20
CA ALA A 4 22.32 -11.44 -9.89
C ALA A 4 21.53 -10.22 -9.39
N ASP A 5 20.37 -10.45 -8.76
CA ASP A 5 19.55 -9.35 -8.26
C ASP A 5 19.99 -8.88 -6.93
N ARG A 6 20.90 -9.63 -6.35
CA ARG A 6 21.36 -9.22 -5.05
C ARG A 6 21.95 -7.83 -5.04
N ILE A 7 21.65 -7.01 -4.03
CA ILE A 7 22.19 -5.67 -3.95
C ILE A 7 23.43 -5.69 -3.08
N ALA A 8 24.48 -4.98 -3.45
CA ALA A 8 25.60 -5.03 -2.56
C ALA A 8 25.42 -4.03 -1.46
N ARG A 9 25.33 -2.78 -1.87
CA ARG A 9 25.13 -1.71 -0.91
C ARG A 9 24.57 -0.53 -1.63
N LEU A 10 23.55 0.10 -1.07
CA LEU A 10 23.09 1.25 -1.83
C LEU A 10 23.91 2.47 -1.47
N PRO A 11 23.93 3.44 -2.37
CA PRO A 11 24.63 4.66 -2.05
C PRO A 11 24.09 5.30 -0.75
N GLY A 12 25.03 5.54 0.15
CA GLY A 12 24.77 6.17 1.42
C GLY A 12 24.05 5.29 2.40
N GLN A 13 24.04 4.03 2.09
CA GLN A 13 23.35 3.08 2.91
C GLN A 13 24.15 2.64 4.11
N PRO A 14 23.55 2.67 5.27
CA PRO A 14 24.32 2.15 6.36
C PRO A 14 24.41 0.62 6.27
N ALA A 15 25.29 0.06 7.09
CA ALA A 15 25.50 -1.37 7.14
C ALA A 15 24.44 -2.02 7.96
N VAL A 16 23.97 -3.16 7.44
CA VAL A 16 22.89 -3.92 7.98
C VAL A 16 23.16 -5.39 8.00
N ASP A 17 22.35 -6.08 8.73
CA ASP A 17 22.50 -7.47 8.87
C ASP A 17 21.47 -8.23 8.07
N PHE A 18 20.98 -7.69 6.97
CA PHE A 18 20.01 -8.51 6.25
C PHE A 18 20.30 -8.34 4.80
N ASP A 19 19.80 -9.26 3.95
CA ASP A 19 20.04 -9.06 2.53
C ASP A 19 18.87 -8.36 1.80
N MET A 20 19.18 -7.81 0.64
CA MET A 20 18.20 -7.19 -0.25
C MET A 20 18.52 -7.56 -1.70
N TYR A 21 17.48 -7.64 -2.54
CA TYR A 21 17.62 -7.96 -3.95
C TYR A 21 16.67 -7.02 -4.68
N SER A 22 16.95 -6.75 -5.94
CA SER A 22 16.05 -5.92 -6.72
C SER A 22 16.38 -6.19 -8.15
N GLY A 23 15.38 -6.06 -9.03
CA GLY A 23 15.57 -6.31 -10.46
C GLY A 23 14.22 -6.41 -11.18
N TYR A 24 14.19 -7.05 -12.35
CA TYR A 24 12.97 -7.11 -13.14
C TYR A 24 12.47 -8.48 -13.46
N ILE A 25 11.15 -8.58 -13.61
CA ILE A 25 10.52 -9.81 -14.04
C ILE A 25 9.60 -9.42 -15.18
N THR A 26 9.69 -10.13 -16.28
CA THR A 26 8.82 -9.78 -17.39
C THR A 26 7.47 -10.33 -17.21
N VAL A 27 6.46 -9.50 -17.29
CA VAL A 27 5.13 -10.03 -17.07
C VAL A 27 4.30 -10.23 -18.34
N ASP A 28 4.69 -9.54 -19.39
CA ASP A 28 4.03 -9.64 -20.68
C ASP A 28 5.04 -9.52 -21.77
N GLU A 29 5.35 -10.69 -22.31
CA GLU A 29 6.34 -10.80 -23.36
C GLU A 29 5.98 -10.06 -24.64
N GLY A 30 4.76 -10.29 -25.10
CA GLY A 30 4.27 -9.64 -26.29
C GLY A 30 4.44 -8.16 -26.20
N ALA A 31 3.98 -7.63 -25.08
CA ALA A 31 4.00 -6.20 -24.86
C ALA A 31 5.29 -5.63 -24.46
N GLY A 32 6.09 -6.46 -23.84
CA GLY A 32 7.35 -5.96 -23.34
C GLY A 32 7.18 -5.24 -22.01
N ARG A 33 6.27 -5.81 -21.18
CA ARG A 33 5.98 -5.30 -19.84
C ARG A 33 6.84 -6.03 -18.81
N SER A 34 7.60 -5.26 -18.04
CA SER A 34 8.45 -5.82 -17.02
C SER A 34 8.34 -5.00 -15.72
N LEU A 35 8.10 -5.69 -14.59
CA LEU A 35 7.99 -5.02 -13.29
C LEU A 35 9.24 -5.16 -12.47
N PHE A 36 9.59 -4.04 -11.85
CA PHE A 36 10.72 -3.98 -10.97
C PHE A 36 10.27 -4.30 -9.53
N TYR A 37 11.09 -5.01 -8.73
CA TYR A 37 10.75 -5.35 -7.36
C TYR A 37 11.92 -5.02 -6.48
N LEU A 38 11.64 -4.91 -5.20
CA LEU A 38 12.69 -4.70 -4.24
C LEU A 38 12.36 -5.61 -3.06
N LEU A 39 13.29 -6.54 -2.74
CA LEU A 39 13.09 -7.45 -1.66
C LEU A 39 14.04 -7.12 -0.52
N GLN A 40 13.47 -6.94 0.68
CA GLN A 40 14.29 -6.63 1.86
C GLN A 40 13.99 -7.74 2.82
N GLU A 41 15.01 -8.55 3.05
CA GLU A 41 14.86 -9.71 3.87
C GLU A 41 15.03 -9.45 5.34
N ALA A 42 14.47 -10.37 6.09
CA ALA A 42 14.57 -10.31 7.53
C ALA A 42 15.94 -10.84 7.91
N PRO A 43 16.42 -10.47 9.07
CA PRO A 43 17.72 -11.02 9.45
C PRO A 43 17.60 -12.52 9.82
N GLU A 44 18.78 -13.14 9.81
CA GLU A 44 18.93 -14.56 10.07
C GLU A 44 18.19 -15.04 11.26
N ASP A 45 18.26 -14.26 12.30
CA ASP A 45 17.61 -14.74 13.47
C ASP A 45 16.17 -14.77 13.37
N ALA A 46 15.60 -14.17 12.34
CA ALA A 46 14.14 -14.22 12.27
C ALA A 46 13.70 -15.22 11.21
N GLN A 47 14.66 -15.81 10.51
CA GLN A 47 14.32 -16.69 9.42
C GLN A 47 13.97 -18.11 9.83
N PRO A 48 13.19 -18.88 9.05
CA PRO A 48 12.61 -18.52 7.79
C PRO A 48 11.31 -17.75 8.06
N ALA A 49 11.35 -16.49 7.79
CA ALA A 49 10.15 -15.65 8.06
C ALA A 49 9.19 -15.63 6.88
N PRO A 50 7.95 -15.12 7.06
CA PRO A 50 7.08 -15.10 5.91
C PRO A 50 7.55 -14.14 4.85
N LEU A 51 6.91 -14.35 3.74
CA LEU A 51 7.08 -13.51 2.58
C LEU A 51 5.83 -12.63 2.47
N VAL A 52 6.08 -11.32 2.40
CA VAL A 52 4.96 -10.38 2.29
C VAL A 52 5.13 -9.46 1.14
N LEU A 53 4.17 -9.59 0.22
CA LEU A 53 4.14 -8.70 -0.92
C LEU A 53 3.48 -7.37 -0.49
N TRP A 54 4.18 -6.27 -0.65
CA TRP A 54 3.62 -4.96 -0.28
C TRP A 54 3.33 -4.07 -1.50
N LEU A 55 2.13 -3.54 -1.55
CA LEU A 55 1.67 -2.74 -2.67
C LEU A 55 1.10 -1.37 -2.28
N ASN A 56 1.64 -0.30 -2.87
CA ASN A 56 1.10 1.02 -2.73
C ASN A 56 -0.04 1.26 -3.77
N GLY A 57 -0.74 2.40 -3.67
CA GLY A 57 -1.92 2.59 -4.52
C GLY A 57 -1.72 3.59 -5.66
N GLY A 58 -2.53 4.61 -5.60
CA GLY A 58 -2.50 5.63 -6.63
C GLY A 58 -3.91 5.78 -7.23
N PRO A 59 -4.26 4.96 -8.20
CA PRO A 59 -3.41 4.01 -8.85
C PRO A 59 -2.32 4.77 -9.57
N GLY A 60 -1.18 4.12 -9.78
CA GLY A 60 -0.06 4.79 -10.48
C GLY A 60 1.06 5.18 -9.54
N CYS A 61 0.93 4.82 -8.24
CA CYS A 61 2.02 5.16 -7.30
C CYS A 61 2.90 3.91 -6.99
N SER A 62 4.18 4.19 -6.68
CA SER A 62 5.23 3.17 -6.48
C SER A 62 5.41 2.64 -5.07
N SER A 63 5.30 1.32 -4.95
CA SER A 63 5.57 0.63 -3.70
C SER A 63 6.98 0.92 -3.23
N VAL A 64 7.92 1.07 -4.15
CA VAL A 64 9.30 1.37 -3.71
C VAL A 64 9.43 2.78 -3.14
N ALA A 65 8.80 3.70 -3.87
CA ALA A 65 8.79 5.12 -3.49
C ALA A 65 8.19 5.36 -2.09
N TYR A 66 7.02 4.77 -1.87
CA TYR A 66 6.29 4.90 -0.62
C TYR A 66 6.61 3.87 0.43
N GLY A 67 6.08 2.67 0.17
CA GLY A 67 6.23 1.58 1.07
C GLY A 67 7.64 1.38 1.56
N ALA A 68 8.52 1.30 0.60
CA ALA A 68 9.90 1.03 0.92
C ALA A 68 10.69 2.19 1.40
N SER A 69 10.36 3.41 0.96
CA SER A 69 11.20 4.59 1.26
C SER A 69 10.74 5.63 2.27
N GLU A 70 9.44 5.62 2.56
CA GLU A 70 8.92 6.52 3.57
C GLU A 70 7.89 5.84 4.46
N GLU A 71 7.86 4.52 4.40
CA GLU A 71 6.94 3.80 5.23
C GLU A 71 7.60 2.64 5.96
N LEU A 72 7.22 1.42 5.61
CA LEU A 72 7.70 0.24 6.31
C LEU A 72 9.07 -0.31 5.89
N GLY A 73 9.64 0.24 4.79
CA GLY A 73 10.93 -0.16 4.24
C GLY A 73 12.05 -0.01 5.24
N ALA A 74 13.18 -0.69 4.99
CA ALA A 74 14.32 -0.66 5.88
C ALA A 74 14.95 0.72 6.00
N PHE A 75 14.86 1.55 4.96
CA PHE A 75 15.54 2.86 5.10
C PHE A 75 14.68 4.08 4.78
N ARG A 76 15.19 5.26 5.14
CA ARG A 76 14.57 6.52 4.84
C ARG A 76 15.61 7.36 4.13
N VAL A 77 15.20 8.15 3.16
CA VAL A 77 16.16 8.95 2.46
C VAL A 77 16.48 10.28 3.11
N LYS A 78 17.74 10.65 3.08
CA LYS A 78 18.13 11.99 3.56
C LYS A 78 17.69 13.09 2.63
N PRO A 79 17.70 14.24 3.21
CA PRO A 79 17.36 15.45 2.55
C PRO A 79 18.28 15.59 1.39
N ARG A 80 17.71 16.12 0.37
CA ARG A 80 18.45 16.27 -0.84
C ARG A 80 18.77 14.90 -1.41
N GLY A 81 18.14 13.82 -0.90
CA GLY A 81 18.41 12.54 -1.50
C GLY A 81 19.89 12.17 -1.39
N ALA A 82 20.48 12.68 -0.33
CA ALA A 82 21.89 12.47 -0.06
C ALA A 82 22.32 11.04 0.31
N GLY A 83 21.50 10.37 1.08
CA GLY A 83 21.80 9.04 1.55
C GLY A 83 20.60 8.46 2.29
N LEU A 84 20.89 7.45 3.07
CA LEU A 84 19.87 6.74 3.76
C LEU A 84 20.07 6.62 5.24
N VAL A 85 18.95 6.48 5.91
CA VAL A 85 19.01 6.14 7.30
C VAL A 85 18.12 4.95 7.45
N LEU A 86 18.46 4.23 8.46
CA LEU A 86 17.77 3.03 8.83
C LEU A 86 16.45 3.36 9.54
N ASN A 87 15.40 2.63 9.17
CA ASN A 87 14.12 2.78 9.78
C ASN A 87 14.05 1.77 10.90
N GLU A 88 14.11 2.32 12.05
CA GLU A 88 14.10 1.50 13.21
C GLU A 88 12.88 0.65 13.33
N TYR A 89 11.80 0.96 12.66
CA TYR A 89 10.70 0.04 12.82
C TYR A 89 10.38 -0.72 11.55
N ARG A 90 11.39 -0.90 10.67
CA ARG A 90 11.15 -1.56 9.42
C ARG A 90 10.45 -2.90 9.62
N TRP A 91 9.51 -3.17 8.72
CA TRP A 91 8.77 -4.40 8.84
C TRP A 91 9.64 -5.60 8.53
N ASN A 92 10.77 -5.34 7.83
CA ASN A 92 11.66 -6.46 7.54
C ASN A 92 12.40 -6.90 8.81
N LYS A 93 11.99 -6.35 9.97
CA LYS A 93 12.61 -6.91 11.13
C LYS A 93 11.93 -8.22 11.34
N VAL A 94 10.71 -8.38 10.78
CA VAL A 94 10.02 -9.63 11.06
C VAL A 94 9.54 -10.40 9.84
N ALA A 95 9.73 -9.88 8.64
CA ALA A 95 9.26 -10.63 7.49
C ALA A 95 10.13 -10.31 6.31
N ASN A 96 10.04 -11.15 5.28
CA ASN A 96 10.76 -10.85 4.05
C ASN A 96 9.75 -10.02 3.25
N VAL A 97 10.04 -8.73 3.03
CA VAL A 97 9.10 -7.83 2.38
C VAL A 97 9.42 -7.61 0.94
N LEU A 98 8.44 -7.85 0.10
CA LEU A 98 8.67 -7.68 -1.28
C LEU A 98 7.82 -6.57 -1.79
N PHE A 99 8.49 -5.47 -2.20
CA PHE A 99 7.84 -4.29 -2.74
C PHE A 99 7.79 -4.41 -4.25
N LEU A 100 6.60 -4.20 -4.83
CA LEU A 100 6.43 -4.32 -6.27
C LEU A 100 5.99 -3.02 -6.91
N ASP A 101 6.73 -2.45 -7.86
CA ASP A 101 6.28 -1.23 -8.58
C ASP A 101 5.28 -1.68 -9.63
N SER A 102 4.09 -1.18 -9.56
CA SER A 102 3.11 -1.70 -10.46
C SER A 102 1.95 -0.74 -10.56
N PRO A 103 1.27 -0.76 -11.72
CA PRO A 103 1.59 -1.62 -12.87
C PRO A 103 2.74 -1.07 -13.70
N ALA A 104 3.01 -1.72 -14.84
CA ALA A 104 4.14 -1.28 -15.66
C ALA A 104 4.03 0.16 -16.00
N GLY A 105 5.10 0.91 -15.78
CA GLY A 105 5.05 2.30 -16.04
C GLY A 105 5.15 3.07 -14.72
N VAL A 106 5.07 2.32 -13.63
CA VAL A 106 5.16 2.96 -12.34
C VAL A 106 6.53 2.68 -11.73
N GLY A 107 7.12 3.70 -11.13
CA GLY A 107 8.41 3.54 -10.47
C GLY A 107 9.48 3.17 -11.48
N PHE A 108 10.06 2.00 -11.33
CA PHE A 108 11.08 1.54 -12.23
C PHE A 108 10.50 0.52 -13.15
N SER A 109 9.24 0.17 -12.95
CA SER A 109 8.63 -0.80 -13.83
C SER A 109 8.40 -0.11 -15.18
N TYR A 110 8.48 -0.88 -16.29
CA TYR A 110 8.34 -0.29 -17.63
C TYR A 110 7.58 -1.14 -18.62
N THR A 111 7.15 -0.50 -19.71
CA THR A 111 6.43 -1.22 -20.73
C THR A 111 7.05 -0.85 -22.04
N ASN A 112 7.08 -1.83 -22.90
CA ASN A 112 7.62 -1.54 -24.21
C ASN A 112 6.48 -1.08 -25.09
N THR A 113 5.28 -1.14 -24.61
CA THR A 113 4.20 -0.68 -25.43
C THR A 113 3.57 0.55 -24.82
N SER A 114 3.93 1.66 -25.37
CA SER A 114 3.50 3.02 -25.00
C SER A 114 2.08 3.20 -24.55
N SER A 115 1.21 2.61 -25.30
CA SER A 115 -0.15 2.77 -25.00
C SER A 115 -0.57 2.11 -23.68
N ASP A 116 0.29 1.15 -23.22
CA ASP A 116 0.05 0.43 -21.98
C ASP A 116 -0.25 1.44 -20.87
N ILE A 117 0.49 2.56 -20.89
CA ILE A 117 0.26 3.56 -19.92
C ILE A 117 -1.00 4.38 -20.08
N TYR A 118 -1.80 4.08 -21.11
CA TYR A 118 -3.03 4.78 -21.22
C TYR A 118 -4.14 3.82 -21.09
N THR A 119 -3.77 2.56 -21.01
CA THR A 119 -4.82 1.59 -20.92
C THR A 119 -4.80 0.80 -19.62
N SER A 120 -4.13 1.28 -18.61
CA SER A 120 -4.08 0.48 -17.39
C SER A 120 -5.42 0.33 -16.67
N GLY A 121 -5.60 -0.79 -15.97
CA GLY A 121 -6.82 -1.04 -15.27
C GLY A 121 -6.59 -2.09 -14.18
N ASP A 122 -7.59 -2.31 -13.39
CA ASP A 122 -7.44 -3.27 -12.35
C ASP A 122 -7.17 -4.69 -12.82
N ASN A 123 -7.93 -5.18 -13.79
CA ASN A 123 -7.81 -6.58 -14.24
C ASN A 123 -6.42 -6.95 -14.76
N ARG A 124 -5.95 -6.08 -15.59
CA ARG A 124 -4.66 -6.31 -16.14
C ARG A 124 -3.61 -6.15 -15.07
N THR A 125 -3.79 -5.16 -14.21
CA THR A 125 -2.80 -4.98 -13.17
C THR A 125 -2.67 -6.24 -12.34
N ALA A 126 -3.80 -6.85 -12.06
CA ALA A 126 -3.80 -8.05 -11.25
C ALA A 126 -3.18 -9.26 -11.97
N HIS A 127 -3.57 -9.43 -13.24
CA HIS A 127 -3.10 -10.57 -14.01
C HIS A 127 -1.62 -10.46 -14.20
N ASP A 128 -1.14 -9.24 -14.43
CA ASP A 128 0.28 -9.09 -14.56
C ASP A 128 1.03 -9.37 -13.23
N SER A 129 0.39 -9.03 -12.10
CA SER A 129 1.01 -9.20 -10.80
C SER A 129 1.11 -10.67 -10.49
N TYR A 130 0.10 -11.38 -10.94
CA TYR A 130 0.03 -12.78 -10.79
C TYR A 130 1.17 -13.41 -11.57
N ALA A 131 1.33 -12.93 -12.80
CA ALA A 131 2.42 -13.41 -13.64
C ALA A 131 3.75 -13.15 -12.95
N PHE A 132 3.86 -11.95 -12.43
CA PHE A 132 5.06 -11.57 -11.75
C PHE A 132 5.36 -12.54 -10.62
N LEU A 133 4.35 -12.85 -9.88
CA LEU A 133 4.61 -13.73 -8.77
C LEU A 133 5.11 -15.10 -9.14
N ALA A 134 4.39 -15.71 -10.08
CA ALA A 134 4.77 -17.06 -10.46
C ALA A 134 6.20 -17.04 -10.96
N LYS A 135 6.48 -16.03 -11.74
CA LYS A 135 7.83 -15.99 -12.21
C LYS A 135 8.82 -15.72 -11.07
N TRP A 136 8.49 -14.82 -10.15
CA TRP A 136 9.44 -14.47 -9.10
C TRP A 136 9.86 -15.71 -8.29
N PHE A 137 8.88 -16.58 -8.01
CA PHE A 137 9.12 -17.78 -7.28
C PHE A 137 10.07 -18.76 -8.00
N GLU A 138 10.00 -18.73 -9.32
CA GLU A 138 10.89 -19.55 -10.09
C GLU A 138 12.27 -19.00 -9.94
N ARG A 139 12.37 -17.67 -9.87
CA ARG A 139 13.65 -17.05 -9.67
C ARG A 139 14.17 -17.21 -8.25
N PHE A 140 13.22 -17.33 -7.29
CA PHE A 140 13.60 -17.48 -5.87
C PHE A 140 12.94 -18.74 -5.35
N PRO A 141 13.31 -19.88 -5.91
CA PRO A 141 12.67 -21.10 -5.53
C PRO A 141 12.79 -21.39 -4.02
N HIS A 142 13.71 -20.77 -3.24
CA HIS A 142 13.70 -21.07 -1.80
C HIS A 142 12.53 -20.45 -1.03
N TYR A 143 11.75 -19.65 -1.76
CA TYR A 143 10.57 -18.99 -1.24
C TYR A 143 9.30 -19.79 -1.50
N LYS A 144 9.41 -20.81 -2.33
CA LYS A 144 8.25 -21.61 -2.58
C LYS A 144 7.73 -22.21 -1.32
N TYR A 145 6.40 -22.28 -1.27
CA TYR A 145 5.76 -22.81 -0.10
C TYR A 145 5.90 -21.94 1.16
N ARG A 146 6.66 -20.87 1.15
CA ARG A 146 6.76 -20.05 2.37
C ARG A 146 5.37 -19.52 2.68
N ASP A 147 5.03 -19.33 3.94
CA ASP A 147 3.72 -18.69 4.23
C ASP A 147 3.72 -17.31 3.52
N PHE A 148 2.64 -17.00 2.82
CA PHE A 148 2.70 -15.80 2.06
C PHE A 148 1.46 -14.92 2.26
N TYR A 149 1.77 -13.62 2.38
CA TYR A 149 0.76 -12.60 2.59
C TYR A 149 0.87 -11.47 1.62
N ILE A 150 -0.26 -10.81 1.39
CA ILE A 150 -0.24 -9.69 0.47
C ILE A 150 -0.85 -8.55 1.25
N ALA A 151 -0.16 -7.41 1.20
CA ALA A 151 -0.61 -6.27 1.96
C ALA A 151 -0.47 -4.98 1.22
N GLY A 152 -1.26 -3.97 1.62
CA GLY A 152 -1.11 -2.68 0.94
C GLY A 152 -2.02 -1.60 1.52
N GLU A 153 -1.92 -0.39 0.90
CA GLU A 153 -2.71 0.74 1.33
C GLU A 153 -3.48 1.48 0.22
N SER A 154 -4.59 2.08 0.68
CA SER A 154 -5.38 2.95 -0.16
C SER A 154 -5.88 2.37 -1.49
N TYR A 155 -5.39 2.83 -2.67
CA TYR A 155 -5.89 2.21 -3.88
C TYR A 155 -5.54 0.71 -3.88
N ALA A 156 -4.50 0.37 -3.10
CA ALA A 156 -4.21 -1.03 -3.01
C ALA A 156 -5.33 -1.83 -2.31
N GLY A 157 -6.37 -1.13 -1.82
CA GLY A 157 -7.50 -1.86 -1.25
C GLY A 157 -8.18 -2.62 -2.40
N HIS A 158 -7.88 -2.17 -3.65
CA HIS A 158 -8.37 -2.86 -4.82
C HIS A 158 -7.34 -3.96 -5.15
N TYR A 159 -6.11 -3.53 -5.42
CA TYR A 159 -5.01 -4.44 -5.77
C TYR A 159 -4.90 -5.71 -4.95
N VAL A 160 -4.84 -5.53 -3.64
CA VAL A 160 -4.64 -6.65 -2.71
C VAL A 160 -5.66 -7.78 -2.81
N PRO A 161 -6.91 -7.47 -2.57
CA PRO A 161 -7.89 -8.52 -2.63
C PRO A 161 -8.03 -9.02 -4.09
N GLU A 162 -7.80 -8.16 -5.04
CA GLU A 162 -7.94 -8.62 -6.41
C GLU A 162 -6.87 -9.67 -6.74
N LEU A 163 -5.64 -9.31 -6.39
CA LEU A 163 -4.54 -10.20 -6.62
C LEU A 163 -4.72 -11.41 -5.75
N SER A 164 -5.20 -11.20 -4.52
CA SER A 164 -5.41 -12.31 -3.66
C SER A 164 -6.35 -13.36 -4.23
N GLN A 165 -7.42 -12.92 -4.84
CA GLN A 165 -8.40 -13.85 -5.42
C GLN A 165 -7.83 -14.68 -6.56
N LEU A 166 -7.05 -14.00 -7.36
CA LEU A 166 -6.40 -14.63 -8.48
C LEU A 166 -5.49 -15.71 -7.94
N VAL A 167 -4.69 -15.33 -6.94
CA VAL A 167 -3.82 -16.34 -6.39
C VAL A 167 -4.58 -17.52 -5.85
N HIS A 168 -5.60 -17.20 -5.08
CA HIS A 168 -6.37 -18.23 -4.47
C HIS A 168 -7.01 -19.15 -5.49
N ARG A 169 -7.58 -18.53 -6.49
CA ARG A 169 -8.23 -19.31 -7.48
C ARG A 169 -7.25 -20.07 -8.35
N SER A 170 -6.10 -19.45 -8.63
CA SER A 170 -5.13 -20.09 -9.49
C SER A 170 -4.72 -21.48 -8.98
N LYS A 171 -4.81 -21.68 -7.66
CA LYS A 171 -4.41 -22.96 -7.12
C LYS A 171 -2.95 -23.38 -7.39
N ASN A 172 -2.05 -22.36 -7.44
CA ASN A 172 -0.62 -22.57 -7.61
C ASN A 172 -0.08 -23.13 -6.29
N PRO A 173 0.41 -24.30 -6.41
CA PRO A 173 0.88 -25.05 -5.26
C PRO A 173 2.12 -24.51 -4.62
N VAL A 174 2.92 -23.70 -5.30
CA VAL A 174 4.07 -23.25 -4.58
C VAL A 174 3.83 -21.98 -3.86
N ILE A 175 2.66 -21.42 -4.08
CA ILE A 175 2.35 -20.14 -3.42
C ILE A 175 1.42 -20.40 -2.24
N ASN A 176 1.95 -20.38 -1.03
CA ASN A 176 1.16 -20.64 0.15
C ASN A 176 0.50 -19.36 0.79
N LEU A 177 -0.48 -18.82 0.05
CA LEU A 177 -1.17 -17.58 0.44
C LEU A 177 -1.91 -17.80 1.72
N LYS A 178 -1.56 -17.04 2.74
CA LYS A 178 -2.33 -17.25 3.95
C LYS A 178 -3.31 -16.15 4.25
N GLY A 179 -3.18 -14.99 3.57
CA GLY A 179 -4.11 -13.93 3.87
C GLY A 179 -3.63 -12.59 3.38
N PHE A 180 -4.43 -11.55 3.69
CA PHE A 180 -4.05 -10.27 3.23
C PHE A 180 -4.41 -9.20 4.22
N MET A 181 -3.79 -8.05 4.07
CA MET A 181 -4.03 -6.98 4.99
C MET A 181 -4.12 -5.67 4.25
N VAL A 182 -5.16 -4.90 4.52
CA VAL A 182 -5.35 -3.63 3.84
C VAL A 182 -5.42 -2.47 4.83
N GLY A 183 -4.66 -1.39 4.52
CA GLY A 183 -4.57 -0.16 5.31
C GLY A 183 -5.22 0.99 4.56
N ASN A 184 -6.10 1.69 5.27
CA ASN A 184 -6.88 2.84 4.74
C ASN A 184 -7.29 2.60 3.29
N GLY A 185 -7.93 1.45 3.01
CA GLY A 185 -8.15 1.13 1.62
C GLY A 185 -9.53 1.21 1.10
N LEU A 186 -9.59 1.39 -0.24
CA LEU A 186 -10.87 1.35 -0.85
C LEU A 186 -11.41 -0.03 -0.65
N ILE A 187 -12.65 -0.08 -0.22
CA ILE A 187 -13.36 -1.35 0.01
C ILE A 187 -14.71 -1.43 -0.73
N ASP A 188 -15.48 -0.32 -0.70
CA ASP A 188 -16.79 -0.29 -1.35
C ASP A 188 -17.10 1.16 -1.58
N ASP A 189 -17.20 1.51 -2.80
CA ASP A 189 -17.32 2.92 -3.17
C ASP A 189 -18.36 3.75 -2.42
N TYR A 190 -19.55 3.21 -2.37
CA TYR A 190 -20.67 3.87 -1.76
C TYR A 190 -20.45 4.12 -0.26
N HIS A 191 -20.16 3.03 0.43
CA HIS A 191 -19.91 3.13 1.85
C HIS A 191 -18.73 4.01 2.14
N ASP A 192 -17.75 3.90 1.28
CA ASP A 192 -16.55 4.69 1.48
C ASP A 192 -16.84 6.16 1.35
N TYR A 193 -17.64 6.51 0.34
CA TYR A 193 -17.96 7.92 0.14
C TYR A 193 -18.74 8.44 1.35
N VAL A 194 -19.69 7.63 1.74
CA VAL A 194 -20.50 8.03 2.83
C VAL A 194 -19.64 8.28 4.08
N GLY A 195 -18.81 7.32 4.41
CA GLY A 195 -17.97 7.46 5.57
C GLY A 195 -17.00 8.62 5.40
N THR A 196 -16.55 8.81 4.19
CA THR A 196 -15.56 9.86 3.99
C THR A 196 -16.12 11.23 4.34
N PHE A 197 -17.31 11.52 3.79
CA PHE A 197 -17.88 12.83 4.04
C PHE A 197 -18.22 13.07 5.52
N GLU A 198 -18.80 12.02 6.11
CA GLU A 198 -19.15 12.08 7.51
C GLU A 198 -17.92 12.42 8.35
N PHE A 199 -16.79 11.70 8.06
CA PHE A 199 -15.56 11.93 8.77
C PHE A 199 -15.08 13.38 8.63
N TRP A 200 -15.12 13.86 7.40
CA TRP A 200 -14.70 15.24 7.11
C TRP A 200 -15.48 16.27 7.97
N TRP A 201 -16.79 16.11 7.94
CA TRP A 201 -17.71 16.97 8.67
C TRP A 201 -17.39 16.88 10.16
N ASN A 202 -17.18 15.67 10.65
CA ASN A 202 -16.79 15.49 12.04
C ASN A 202 -15.37 15.90 12.36
N HIS A 203 -14.62 16.35 11.35
CA HIS A 203 -13.30 16.85 11.61
C HIS A 203 -13.22 18.33 11.29
N GLY A 204 -14.37 18.97 11.03
CA GLY A 204 -14.46 20.41 10.81
C GLY A 204 -13.73 20.89 9.58
N ILE A 205 -13.81 20.04 8.57
CA ILE A 205 -13.09 20.42 7.38
C ILE A 205 -13.93 20.88 6.20
N VAL A 206 -15.25 20.75 6.27
CA VAL A 206 -16.11 21.27 5.23
C VAL A 206 -17.33 21.90 5.91
N SER A 207 -18.09 22.70 5.18
CA SER A 207 -19.29 23.32 5.72
C SER A 207 -20.45 22.32 5.77
N ASP A 208 -21.52 22.72 6.39
CA ASP A 208 -22.66 21.83 6.44
C ASP A 208 -23.24 21.63 5.04
N ASP A 209 -23.20 22.71 4.32
CA ASP A 209 -23.76 22.67 3.01
C ASP A 209 -22.97 21.82 2.01
N THR A 210 -21.67 22.00 2.07
CA THR A 210 -20.80 21.21 1.23
C THR A 210 -20.90 19.75 1.63
N TYR A 211 -21.09 19.45 2.91
CA TYR A 211 -21.24 18.07 3.35
C TYR A 211 -22.42 17.42 2.64
N ARG A 212 -23.47 18.17 2.62
CA ARG A 212 -24.66 17.70 2.01
C ARG A 212 -24.51 17.62 0.50
N ARG A 213 -23.87 18.62 -0.07
CA ARG A 213 -23.70 18.62 -1.52
C ARG A 213 -22.89 17.40 -2.00
N LEU A 214 -21.79 17.09 -1.26
CA LEU A 214 -20.98 15.95 -1.51
C LEU A 214 -21.79 14.67 -1.44
N LYS A 215 -22.59 14.54 -0.39
CA LYS A 215 -23.37 13.35 -0.30
C LYS A 215 -24.30 13.24 -1.47
N GLU A 216 -24.92 14.34 -1.84
CA GLU A 216 -25.82 14.25 -2.96
C GLU A 216 -25.17 14.06 -4.32
N ALA A 217 -23.95 14.60 -4.46
CA ALA A 217 -23.28 14.54 -5.73
C ALA A 217 -22.53 13.25 -6.00
N CYS A 218 -21.95 12.66 -4.95
CA CYS A 218 -21.07 11.53 -5.20
C CYS A 218 -21.53 10.13 -4.89
N LEU A 219 -22.68 10.03 -4.26
CA LEU A 219 -23.09 8.75 -3.79
C LEU A 219 -23.25 7.59 -4.72
N HIS A 220 -23.45 7.87 -5.98
CA HIS A 220 -23.61 6.80 -6.86
C HIS A 220 -22.40 6.62 -7.71
N ASP A 221 -21.32 7.25 -7.36
CA ASP A 221 -20.14 7.21 -8.18
C ASP A 221 -19.06 6.31 -7.69
N SER A 222 -18.02 6.18 -8.50
CA SER A 222 -16.88 5.41 -8.06
C SER A 222 -15.93 6.37 -7.42
N PHE A 223 -15.10 5.86 -6.50
CA PHE A 223 -14.14 6.73 -5.92
C PHE A 223 -13.14 7.15 -6.91
N ILE A 224 -12.86 6.32 -7.84
CA ILE A 224 -11.83 6.67 -8.76
C ILE A 224 -12.31 7.35 -10.05
N HIS A 225 -13.58 7.25 -10.27
CA HIS A 225 -14.15 7.91 -11.43
C HIS A 225 -15.38 8.71 -11.06
N PRO A 226 -15.20 9.76 -10.32
CA PRO A 226 -16.32 10.53 -9.92
C PRO A 226 -17.06 11.21 -11.06
N SER A 227 -18.33 11.45 -10.82
CA SER A 227 -19.12 12.21 -11.79
C SER A 227 -18.71 13.67 -11.72
N PRO A 228 -19.13 14.45 -12.71
CA PRO A 228 -18.83 15.85 -12.74
C PRO A 228 -19.53 16.59 -11.61
N ALA A 229 -20.70 16.07 -11.18
CA ALA A 229 -21.38 16.69 -10.02
C ALA A 229 -20.42 16.49 -8.80
N CYS A 230 -19.96 15.25 -8.71
CA CYS A 230 -19.02 14.87 -7.64
C CYS A 230 -17.78 15.76 -7.63
N ASP A 231 -17.18 16.00 -8.78
CA ASP A 231 -16.01 16.83 -8.75
C ASP A 231 -16.27 18.28 -8.38
N ALA A 232 -17.42 18.74 -8.84
CA ALA A 232 -17.79 20.12 -8.59
C ALA A 232 -17.94 20.26 -7.10
N ALA A 233 -18.59 19.28 -6.50
CA ALA A 233 -18.76 19.29 -5.07
C ALA A 233 -17.39 19.23 -4.40
N THR A 234 -16.50 18.34 -4.89
CA THR A 234 -15.25 18.25 -4.24
C THR A 234 -14.41 19.43 -4.43
N ASP A 235 -14.67 20.17 -5.48
CA ASP A 235 -13.84 21.34 -5.65
C ASP A 235 -14.06 22.35 -4.55
N VAL A 236 -15.30 22.44 -4.14
CA VAL A 236 -15.65 23.33 -3.07
C VAL A 236 -15.01 22.83 -1.75
N ALA A 237 -15.14 21.51 -1.50
CA ALA A 237 -14.57 20.90 -0.27
C ALA A 237 -13.12 21.26 -0.20
N THR A 238 -12.49 21.14 -1.34
CA THR A 238 -11.06 21.44 -1.37
C THR A 238 -10.79 22.87 -0.98
N ALA A 239 -11.65 23.78 -1.44
CA ALA A 239 -11.43 25.16 -1.09
C ALA A 239 -11.66 25.36 0.40
N GLU A 240 -12.71 24.71 0.91
CA GLU A 240 -12.99 24.76 2.33
C GLU A 240 -11.81 24.17 3.10
N GLN A 241 -11.21 23.06 2.59
CA GLN A 241 -10.12 22.42 3.30
C GLN A 241 -8.87 23.26 3.48
N GLY A 242 -8.58 24.08 2.49
CA GLY A 242 -7.41 24.91 2.64
C GLY A 242 -6.10 24.16 2.60
N ASN A 243 -5.10 24.82 3.09
CA ASN A 243 -3.82 24.24 2.99
C ASN A 243 -3.43 23.29 4.06
N ILE A 244 -4.02 22.12 4.06
CA ILE A 244 -3.66 21.16 5.08
C ILE A 244 -3.21 19.89 4.35
N ASP A 245 -2.62 18.92 5.06
CA ASP A 245 -2.33 17.68 4.40
C ASP A 245 -3.52 16.74 4.67
N MET A 246 -4.36 16.49 3.66
CA MET A 246 -5.50 15.60 3.85
C MET A 246 -5.08 14.17 4.22
N TYR A 247 -3.84 13.87 3.95
CA TYR A 247 -3.33 12.54 4.26
C TYR A 247 -2.96 12.43 5.74
N SER A 248 -2.92 13.57 6.50
CA SER A 248 -2.55 13.56 7.92
C SER A 248 -3.00 14.87 8.50
N LEU A 249 -4.19 14.87 9.06
CA LEU A 249 -4.80 16.12 9.44
C LEU A 249 -4.08 17.04 10.41
N TYR A 250 -3.29 16.51 11.31
CA TYR A 250 -2.69 17.35 12.30
C TYR A 250 -1.20 17.47 12.11
N THR A 251 -0.68 17.24 10.91
CA THR A 251 0.75 17.38 10.71
C THR A 251 0.97 18.42 9.62
N PRO A 252 2.15 19.02 9.57
CA PRO A 252 2.44 20.06 8.59
C PRO A 252 2.70 19.56 7.20
N VAL A 253 2.44 20.49 6.30
CA VAL A 253 2.63 20.36 4.89
C VAL A 253 4.11 20.66 4.57
N CYS A 254 4.65 20.06 3.51
CA CYS A 254 6.04 20.26 3.16
C CYS A 254 6.28 21.68 2.65
N ASN A 255 7.26 22.42 3.20
CA ASN A 255 7.49 23.81 2.68
C ASN A 255 8.35 23.97 1.43
N ILE A 256 9.07 22.95 1.02
CA ILE A 256 9.94 23.09 -0.13
C ILE A 256 9.26 22.67 -1.41
N SER B 1 11.16 16.07 14.30
CA SER B 1 11.40 14.71 13.84
C SER B 1 10.62 14.30 12.57
N TYR B 2 9.26 14.36 12.59
CA TYR B 2 8.44 14.03 11.41
C TYR B 2 8.84 14.98 10.32
N ASP B 3 9.00 14.53 9.07
CA ASP B 3 9.37 15.48 8.05
C ASP B 3 8.46 15.28 6.86
N PRO B 4 7.63 16.29 6.55
CA PRO B 4 6.73 16.05 5.47
C PRO B 4 7.32 16.11 4.07
N CYS B 5 8.61 16.39 3.88
CA CYS B 5 9.10 16.53 2.49
C CYS B 5 9.77 15.30 1.93
N THR B 6 9.47 14.19 2.52
CA THR B 6 10.08 12.93 2.14
C THR B 6 10.04 12.62 0.66
N GLU B 7 8.94 12.90 -0.02
CA GLU B 7 8.88 12.58 -1.42
C GLU B 7 9.95 13.32 -2.19
N ARG B 8 10.27 14.49 -1.71
CA ARG B 8 11.27 15.31 -2.35
C ARG B 8 12.59 14.59 -2.32
N TYR B 9 12.95 14.06 -1.17
CA TYR B 9 14.21 13.33 -1.03
C TYR B 9 14.34 12.08 -1.91
N SER B 10 13.30 11.28 -1.85
CA SER B 10 13.24 10.08 -2.63
C SER B 10 13.45 10.35 -4.11
N THR B 11 12.76 11.34 -4.60
CA THR B 11 12.84 11.68 -5.98
C THR B 11 14.27 12.00 -6.43
N ALA B 12 14.94 12.69 -5.52
CA ALA B 12 16.31 13.03 -5.73
C ALA B 12 17.13 11.76 -5.78
N TYR B 13 17.06 11.03 -4.70
CA TYR B 13 17.78 9.83 -4.55
C TYR B 13 17.64 8.84 -5.70
N TYR B 14 16.41 8.51 -6.04
CA TYR B 14 16.19 7.50 -7.03
C TYR B 14 16.51 7.93 -8.39
N ASN B 15 16.64 9.22 -8.52
CA ASN B 15 17.02 9.67 -9.83
C ASN B 15 18.55 9.57 -10.01
N ARG B 16 19.34 9.22 -8.96
CA ARG B 16 20.81 9.07 -9.03
C ARG B 16 21.24 7.87 -9.84
N ARG B 17 22.25 8.09 -10.69
CA ARG B 17 22.80 7.02 -11.54
C ARG B 17 23.37 5.88 -10.72
N ASP B 18 24.09 6.30 -9.69
CA ASP B 18 24.66 5.34 -8.80
C ASP B 18 23.62 4.45 -8.13
N VAL B 19 22.49 5.06 -7.69
CA VAL B 19 21.45 4.25 -7.07
C VAL B 19 20.83 3.27 -8.02
N GLN B 20 20.50 3.75 -9.22
CA GLN B 20 19.91 2.84 -10.14
C GLN B 20 20.81 1.69 -10.41
N MET B 21 22.09 2.06 -10.51
CA MET B 21 23.04 1.01 -10.75
C MET B 21 23.00 0.01 -9.64
N ALA B 22 23.07 0.49 -8.40
CA ALA B 22 23.05 -0.46 -7.33
C ALA B 22 21.76 -1.29 -7.30
N LEU B 23 20.66 -0.71 -7.72
CA LEU B 23 19.40 -1.44 -7.68
C LEU B 23 19.21 -2.28 -8.86
N HIS B 24 20.09 -2.10 -9.80
CA HIS B 24 19.96 -2.85 -11.03
C HIS B 24 18.78 -2.28 -11.77
N ALA B 25 18.63 -0.98 -11.73
CA ALA B 25 17.44 -0.53 -12.44
C ALA B 25 17.77 0.36 -13.63
N ASN B 26 16.81 0.47 -14.59
CA ASN B 26 17.02 1.37 -15.75
C ASN B 26 18.41 1.16 -16.29
N VAL B 27 18.75 -0.10 -16.23
CA VAL B 27 20.02 -0.69 -16.57
C VAL B 27 20.67 -0.23 -17.87
N THR B 28 19.90 -0.29 -18.95
CA THR B 28 20.36 0.15 -20.24
C THR B 28 20.10 1.65 -20.41
N GLY B 29 19.64 2.36 -19.38
CA GLY B 29 19.35 3.77 -19.47
C GLY B 29 18.23 4.16 -20.48
N ALA B 30 17.45 3.17 -20.95
CA ALA B 30 16.36 3.33 -21.93
C ALA B 30 15.00 3.95 -21.49
N MET B 31 14.81 4.12 -20.16
CA MET B 31 13.64 4.74 -19.53
C MET B 31 13.95 6.22 -19.54
N ASN B 32 13.42 6.85 -20.57
CA ASN B 32 13.68 8.25 -20.80
C ASN B 32 12.63 9.09 -20.18
N TYR B 33 12.83 9.22 -18.93
CA TYR B 33 11.97 10.01 -18.18
C TYR B 33 12.53 9.94 -16.86
N THR B 34 12.30 10.95 -16.14
CA THR B 34 12.90 10.99 -14.87
C THR B 34 12.05 10.14 -13.92
N TRP B 35 12.68 9.53 -12.96
CA TRP B 35 11.89 8.69 -12.05
C TRP B 35 10.90 9.56 -11.25
N ALA B 36 9.65 9.13 -11.01
CA ALA B 36 8.69 9.95 -10.20
C ALA B 36 8.09 9.03 -9.14
N THR B 37 7.58 9.57 -8.03
CA THR B 37 6.92 8.65 -7.05
C THR B 37 5.65 8.02 -7.60
N CYS B 38 4.99 8.73 -8.52
CA CYS B 38 3.82 8.16 -9.14
C CYS B 38 3.85 8.58 -10.59
N SER B 39 3.01 7.93 -11.36
CA SER B 39 2.79 8.26 -12.76
C SER B 39 1.43 8.92 -12.92
N ASP B 40 1.55 10.15 -13.23
CA ASP B 40 0.40 10.93 -13.51
C ASP B 40 -0.50 10.42 -14.56
N THR B 41 0.17 10.05 -15.65
CA THR B 41 -0.54 9.56 -16.79
C THR B 41 -1.32 8.37 -16.41
N ILE B 42 -0.66 7.44 -15.79
CA ILE B 42 -1.46 6.27 -15.47
C ILE B 42 -2.57 6.62 -14.50
N ASN B 43 -2.20 7.51 -13.57
CA ASN B 43 -3.13 7.90 -12.58
C ASN B 43 -4.38 8.48 -13.19
N THR B 44 -4.15 9.25 -14.26
CA THR B 44 -5.23 9.89 -14.99
C THR B 44 -5.83 9.12 -16.14
N HIS B 45 -5.32 7.96 -16.39
CA HIS B 45 -5.93 7.21 -17.47
C HIS B 45 -6.31 5.83 -17.03
N TRP B 46 -6.94 5.75 -15.85
CA TRP B 46 -7.27 4.47 -15.34
C TRP B 46 -8.53 3.97 -15.87
N HIS B 47 -8.59 2.68 -16.04
CA HIS B 47 -9.79 2.04 -16.55
C HIS B 47 -10.66 1.34 -15.55
N ASP B 48 -10.83 0.03 -15.74
CA ASP B 48 -11.69 -0.77 -14.88
C ASP B 48 -11.25 -0.77 -13.42
N ALA B 49 -12.28 -0.78 -12.57
CA ALA B 49 -12.19 -0.75 -11.11
C ALA B 49 -13.56 -1.05 -10.51
N PRO B 50 -13.84 -2.30 -10.16
CA PRO B 50 -15.10 -2.63 -9.56
C PRO B 50 -15.45 -1.68 -8.40
N ARG B 51 -16.73 -1.53 -8.15
CA ARG B 51 -17.13 -0.64 -7.12
C ARG B 51 -16.96 -1.24 -5.75
N SER B 52 -17.12 -2.56 -5.67
CA SER B 52 -17.02 -3.15 -4.38
C SER B 52 -16.07 -4.32 -4.36
N MET B 53 -15.23 -4.39 -3.33
CA MET B 53 -14.32 -5.50 -3.06
C MET B 53 -15.02 -6.51 -2.17
N LEU B 54 -16.22 -6.16 -1.68
CA LEU B 54 -16.91 -7.03 -0.73
C LEU B 54 -17.08 -8.52 -1.07
N PRO B 55 -17.53 -8.75 -2.27
CA PRO B 55 -17.75 -10.11 -2.73
C PRO B 55 -16.45 -10.91 -2.62
N ILE B 56 -15.32 -10.25 -2.91
CA ILE B 56 -14.03 -10.94 -2.78
C ILE B 56 -13.76 -11.24 -1.33
N TYR B 57 -14.07 -10.26 -0.50
CA TYR B 57 -13.86 -10.49 0.90
C TYR B 57 -14.71 -11.69 1.30
N ARG B 58 -15.92 -11.73 0.75
CA ARG B 58 -16.80 -12.80 1.14
C ARG B 58 -16.21 -14.12 0.74
N GLU B 59 -15.71 -14.12 -0.44
CA GLU B 59 -15.14 -15.34 -0.94
C GLU B 59 -13.98 -15.86 -0.11
N LEU B 60 -13.04 -14.94 0.12
CA LEU B 60 -11.82 -15.27 0.80
C LEU B 60 -12.05 -15.60 2.26
N ILE B 61 -13.08 -14.98 2.81
CA ILE B 61 -13.38 -15.32 4.19
C ILE B 61 -13.91 -16.74 4.19
N ALA B 62 -14.72 -17.04 3.20
CA ALA B 62 -15.21 -18.41 3.11
C ALA B 62 -14.06 -19.37 2.90
N ALA B 63 -13.10 -18.92 2.10
CA ALA B 63 -11.98 -19.74 1.81
C ALA B 63 -11.16 -19.87 3.08
N GLY B 64 -11.55 -19.16 4.11
CA GLY B 64 -10.78 -19.29 5.32
C GLY B 64 -9.45 -18.50 5.41
N LEU B 65 -9.15 -17.60 4.50
CA LEU B 65 -7.91 -16.87 4.67
C LEU B 65 -7.93 -15.88 5.83
N ARG B 66 -6.75 -15.45 6.28
CA ARG B 66 -6.64 -14.43 7.30
C ARG B 66 -6.84 -13.03 6.66
N ILE B 67 -7.79 -12.26 7.18
CA ILE B 67 -8.07 -10.94 6.67
C ILE B 67 -8.10 -9.87 7.76
N TRP B 68 -7.16 -8.95 7.63
CA TRP B 68 -7.06 -7.82 8.49
C TRP B 68 -7.17 -6.53 7.68
N VAL B 69 -7.93 -5.61 8.24
CA VAL B 69 -8.11 -4.30 7.68
C VAL B 69 -7.70 -3.27 8.72
N PHE B 70 -6.88 -2.30 8.36
CA PHE B 70 -6.52 -1.28 9.32
C PHE B 70 -6.70 0.14 8.79
N SER B 71 -6.64 1.09 9.72
CA SER B 71 -6.85 2.48 9.39
C SER B 71 -6.20 3.47 10.36
N GLY B 72 -5.30 4.35 9.84
CA GLY B 72 -4.68 5.46 10.60
C GLY B 72 -5.83 6.44 10.76
N ASP B 73 -6.23 6.72 12.01
CA ASP B 73 -7.42 7.52 12.25
C ASP B 73 -7.39 9.03 12.05
N THR B 74 -6.23 9.56 11.59
CA THR B 74 -6.15 10.98 11.30
C THR B 74 -5.98 11.22 9.77
N ASP B 75 -6.20 10.18 8.97
CA ASP B 75 -6.17 10.33 7.52
C ASP B 75 -7.51 10.88 7.06
N ALA B 76 -7.52 11.83 6.11
CA ALA B 76 -8.80 12.28 5.64
C ALA B 76 -9.06 11.79 4.23
N VAL B 77 -8.08 11.14 3.60
CA VAL B 77 -8.25 10.68 2.21
C VAL B 77 -9.12 9.43 2.10
N VAL B 78 -8.82 8.38 2.88
CA VAL B 78 -9.70 7.19 2.94
C VAL B 78 -9.83 6.94 4.44
N PRO B 79 -10.66 7.76 5.10
CA PRO B 79 -10.78 7.75 6.53
C PRO B 79 -11.43 6.54 7.19
N LEU B 80 -11.17 6.44 8.48
CA LEU B 80 -11.69 5.39 9.31
C LEU B 80 -13.17 5.19 9.12
N THR B 81 -13.98 6.26 9.09
CA THR B 81 -15.40 6.04 9.00
C THR B 81 -15.81 5.28 7.74
N ALA B 82 -15.06 5.56 6.69
CA ALA B 82 -15.26 4.90 5.42
C ALA B 82 -15.08 3.41 5.63
N THR B 83 -13.96 3.04 6.25
CA THR B 83 -13.73 1.61 6.47
C THR B 83 -14.78 0.98 7.34
N ARG B 84 -15.16 1.73 8.35
CA ARG B 84 -16.16 1.24 9.31
C ARG B 84 -17.48 0.95 8.65
N TYR B 85 -17.93 1.85 7.83
CA TYR B 85 -19.16 1.52 7.15
C TYR B 85 -18.96 0.39 6.16
N SER B 86 -17.84 0.40 5.42
CA SER B 86 -17.60 -0.66 4.44
C SER B 86 -17.59 -2.06 5.04
N ILE B 87 -16.81 -2.23 6.12
CA ILE B 87 -16.75 -3.54 6.78
C ILE B 87 -18.09 -3.89 7.33
N GLY B 88 -18.72 -2.84 7.78
CA GLY B 88 -20.08 -2.92 8.32
C GLY B 88 -21.00 -3.58 7.28
N ALA B 89 -20.87 -3.22 6.02
CA ALA B 89 -21.67 -3.83 5.00
C ALA B 89 -21.51 -5.39 4.83
N LEU B 90 -20.49 -5.99 5.44
CA LEU B 90 -20.30 -7.41 5.30
C LEU B 90 -21.22 -8.10 6.24
N GLY B 91 -21.73 -7.33 7.17
CA GLY B 91 -22.57 -7.90 8.16
C GLY B 91 -21.92 -9.05 8.93
N LEU B 92 -20.62 -9.06 9.16
CA LEU B 92 -20.15 -10.21 9.89
C LEU B 92 -20.50 -10.10 11.37
N PRO B 93 -20.55 -11.22 12.04
CA PRO B 93 -20.79 -11.24 13.46
C PRO B 93 -19.54 -10.84 14.19
N THR B 94 -19.73 -10.27 15.37
CA THR B 94 -18.59 -9.87 16.15
C THR B 94 -18.21 -10.89 17.18
N THR B 95 -16.92 -11.11 17.28
CA THR B 95 -16.41 -11.96 18.29
C THR B 95 -15.85 -11.19 19.47
N THR B 96 -15.20 -10.05 19.22
CA THR B 96 -14.69 -9.22 20.28
C THR B 96 -14.95 -7.81 19.89
N SER B 97 -15.82 -7.21 20.63
CA SER B 97 -16.22 -5.85 20.34
C SER B 97 -15.10 -4.81 20.48
N TRP B 98 -15.28 -3.65 19.81
CA TRP B 98 -14.33 -2.52 19.79
C TRP B 98 -13.58 -2.39 21.10
N TYR B 99 -12.26 -2.56 21.11
CA TYR B 99 -11.51 -2.40 22.35
C TYR B 99 -10.17 -1.70 22.11
N PRO B 100 -9.65 -1.00 23.15
CA PRO B 100 -8.40 -0.28 23.01
C PRO B 100 -7.22 -1.23 23.12
N TRP B 101 -6.26 -1.12 22.20
CA TRP B 101 -5.10 -1.98 22.27
C TRP B 101 -3.96 -1.13 22.69
N TYR B 102 -2.98 -1.73 23.36
CA TYR B 102 -1.91 -1.01 23.95
C TYR B 102 -0.55 -1.38 23.47
N ASP B 103 0.30 -0.40 23.48
CA ASP B 103 1.68 -0.59 23.15
C ASP B 103 2.29 -0.04 24.36
N ASP B 104 2.67 -0.95 25.19
CA ASP B 104 3.18 -0.54 26.45
C ASP B 104 1.99 -0.22 27.33
N GLN B 105 2.01 1.02 27.70
CA GLN B 105 1.02 1.58 28.53
C GLN B 105 0.17 2.58 27.77
N GLU B 106 0.53 2.84 26.50
CA GLU B 106 -0.30 3.74 25.75
C GLU B 106 -1.23 3.02 24.81
N VAL B 107 -2.45 3.56 24.66
CA VAL B 107 -3.46 3.08 23.71
C VAL B 107 -2.91 3.32 22.29
N GLY B 108 -2.72 2.25 21.49
CA GLY B 108 -2.14 2.39 20.15
C GLY B 108 -3.19 2.64 19.10
N GLY B 109 -4.42 2.33 19.50
CA GLY B 109 -5.60 2.43 18.65
C GLY B 109 -6.61 1.47 19.22
N TRP B 110 -7.56 1.07 18.39
CA TRP B 110 -8.65 0.20 18.77
C TRP B 110 -8.81 -0.98 17.82
N SER B 111 -9.53 -2.02 18.28
CA SER B 111 -9.72 -3.14 17.44
C SER B 111 -11.05 -3.85 17.69
N GLN B 112 -11.58 -4.43 16.63
CA GLN B 112 -12.78 -5.22 16.71
C GLN B 112 -12.53 -6.51 15.94
N VAL B 113 -12.92 -7.63 16.52
CA VAL B 113 -12.73 -8.91 15.89
C VAL B 113 -14.06 -9.47 15.52
N TYR B 114 -14.17 -9.75 14.25
CA TYR B 114 -15.35 -10.31 13.71
C TYR B 114 -15.07 -11.74 13.34
N LYS B 115 -16.12 -12.46 13.01
CA LYS B 115 -15.90 -13.81 12.59
C LYS B 115 -15.34 -13.80 11.19
N GLY B 116 -14.06 -14.04 11.04
CA GLY B 116 -13.49 -14.01 9.73
C GLY B 116 -12.63 -12.76 9.40
N LEU B 117 -12.60 -11.74 10.25
CA LEU B 117 -11.83 -10.55 9.85
C LEU B 117 -11.53 -9.74 11.08
N THR B 118 -10.37 -9.08 11.10
CA THR B 118 -9.97 -8.20 12.20
C THR B 118 -9.83 -6.79 11.67
N LEU B 119 -10.41 -5.87 12.41
CA LEU B 119 -10.34 -4.47 12.09
C LEU B 119 -9.54 -3.78 13.15
N VAL B 120 -8.58 -2.98 12.73
CA VAL B 120 -7.73 -2.30 13.69
C VAL B 120 -7.50 -0.85 13.32
N SER B 121 -7.64 0.06 14.27
CA SER B 121 -7.36 1.46 13.98
C SER B 121 -6.05 1.79 14.64
N VAL B 122 -5.31 2.75 14.06
CA VAL B 122 -4.02 3.17 14.59
C VAL B 122 -4.12 4.63 14.95
N ARG B 123 -4.14 4.83 16.22
CA ARG B 123 -4.41 6.11 16.81
C ARG B 123 -3.49 7.23 16.40
N GLY B 124 -4.01 8.30 15.87
CA GLY B 124 -3.17 9.45 15.53
C GLY B 124 -2.30 9.27 14.29
N ALA B 125 -2.52 8.19 13.55
CA ALA B 125 -1.74 7.98 12.35
C ALA B 125 -2.48 8.47 11.09
N GLY B 126 -1.79 9.09 10.09
CA GLY B 126 -2.48 9.51 8.87
C GLY B 126 -2.48 8.31 7.92
N HIS B 127 -2.68 8.58 6.63
CA HIS B 127 -2.76 7.61 5.56
C HIS B 127 -1.64 6.55 5.52
N GLU B 128 -0.43 7.06 5.68
CA GLU B 128 0.73 6.24 5.70
C GLU B 128 1.12 5.91 7.13
N VAL B 129 0.51 4.83 7.59
CA VAL B 129 0.67 4.42 8.97
C VAL B 129 2.09 4.21 9.43
N PRO B 130 2.88 3.47 8.64
CA PRO B 130 4.24 3.19 9.07
C PRO B 130 5.12 4.43 9.10
N LEU B 131 4.61 5.51 8.49
CA LEU B 131 5.32 6.81 8.46
C LEU B 131 4.96 7.59 9.74
N HIS B 132 3.67 7.78 10.02
CA HIS B 132 3.23 8.54 11.20
C HIS B 132 3.28 7.82 12.55
N ARG B 133 3.00 6.53 12.61
CA ARG B 133 3.03 5.79 13.86
C ARG B 133 3.82 4.48 13.65
N PRO B 134 5.09 4.66 13.36
CA PRO B 134 5.96 3.56 13.06
C PRO B 134 6.04 2.43 14.10
N ARG B 135 6.10 2.78 15.35
CA ARG B 135 6.15 1.76 16.39
C ARG B 135 4.88 0.90 16.44
N GLN B 136 3.73 1.61 16.44
CA GLN B 136 2.42 0.99 16.47
C GLN B 136 2.21 0.19 15.23
N ALA B 137 2.73 0.74 14.11
CA ALA B 137 2.60 0.05 12.83
C ALA B 137 3.25 -1.33 12.90
N LEU B 138 4.41 -1.36 13.54
CA LEU B 138 5.13 -2.62 13.65
C LEU B 138 4.44 -3.62 14.54
N VAL B 139 3.84 -3.12 15.61
CA VAL B 139 3.13 -4.02 16.47
C VAL B 139 1.98 -4.65 15.69
N LEU B 140 1.30 -3.77 14.93
CA LEU B 140 0.19 -4.21 14.14
C LEU B 140 0.58 -5.34 13.20
N PHE B 141 1.66 -5.13 12.48
CA PHE B 141 2.11 -6.16 11.54
C PHE B 141 2.52 -7.47 12.22
N GLN B 142 3.22 -7.38 13.38
CA GLN B 142 3.57 -8.58 14.07
C GLN B 142 2.36 -9.40 14.46
N TYR B 143 1.33 -8.76 14.95
CA TYR B 143 0.17 -9.53 15.38
C TYR B 143 -0.56 -10.16 14.22
N PHE B 144 -0.65 -9.39 13.16
CA PHE B 144 -1.30 -9.86 11.95
C PHE B 144 -0.59 -11.14 11.52
N LEU B 145 0.73 -11.04 11.39
CA LEU B 145 1.53 -12.21 11.00
C LEU B 145 1.26 -13.38 11.94
N GLN B 146 0.97 -13.08 13.20
CA GLN B 146 0.79 -14.16 14.07
C GLN B 146 -0.63 -14.64 14.10
N GLY B 147 -1.52 -13.87 13.47
CA GLY B 147 -2.91 -14.24 13.57
C GLY B 147 -3.40 -14.07 15.04
N LYS B 148 -2.82 -13.14 15.82
CA LYS B 148 -3.21 -12.91 17.20
C LYS B 148 -3.88 -11.54 17.35
N PRO B 149 -4.92 -11.41 18.18
CA PRO B 149 -5.62 -10.15 18.33
C PRO B 149 -4.72 -9.10 18.89
N MET B 150 -5.01 -7.87 18.57
CA MET B 150 -4.17 -6.82 19.13
C MET B 150 -4.27 -6.89 20.64
N PRO B 151 -3.19 -6.65 21.29
CA PRO B 151 -3.16 -6.75 22.76
C PRO B 151 -3.83 -5.67 23.61
N GLY B 152 -4.51 -6.13 24.70
CA GLY B 152 -5.04 -5.34 25.86
C GLY B 152 -3.80 -4.89 26.74
N GLN B 153 -3.94 -4.12 27.83
CA GLN B 153 -2.76 -3.60 28.60
C GLN B 153 -1.41 -4.35 28.73
C1 NAG C . 11.80 -3.92 -24.40
C2 NAG C . 12.37 -5.27 -23.96
C3 NAG C . 13.78 -5.01 -23.56
C4 NAG C . 14.55 -4.48 -24.73
C5 NAG C . 13.97 -3.24 -25.37
C6 NAG C . 14.43 -3.20 -26.82
C7 NAG C . 10.97 -6.64 -22.49
C8 NAG C . 10.45 -7.28 -23.72
N2 NAG C . 11.86 -5.69 -22.68
O3 NAG C . 14.27 -6.34 -23.37
O4 NAG C . 15.91 -4.20 -24.36
O5 NAG C . 12.55 -3.36 -25.48
O6 NAG C . 13.87 -4.42 -27.35
O7 NAG C . 10.54 -6.94 -21.36
C1 FUC C . 14.63 -6.36 -22.05
C2 FUC C . 14.92 -7.77 -21.76
C3 FUC C . 15.94 -8.29 -22.73
C4 FUC C . 17.22 -7.63 -22.08
C5 FUC C . 17.24 -6.11 -22.32
C6 FUC C . 18.33 -5.35 -21.63
O2 FUC C . 13.70 -8.50 -21.70
O3 FUC C . 16.30 -9.63 -22.95
O4 FUC C . 17.42 -8.00 -20.73
O5 FUC C . 15.91 -5.47 -21.93
C1 NDG C . 16.30 -5.35 -25.07
C2 NDG C . 17.14 -5.00 -26.29
C3 NDG C . 17.84 -6.29 -26.69
C4 NDG C . 17.19 -7.43 -25.86
C5 NDG C . 15.65 -7.38 -26.10
C6 NDG C . 14.76 -8.51 -25.52
C7 NDG C . 18.52 -3.45 -25.07
C8 NDG C . 18.22 -2.06 -24.55
O5 NDG C . 15.19 -6.11 -25.61
O3 NDG C . 19.27 -6.16 -26.49
O4 NDG C . 17.67 -8.71 -26.25
O6 NDG C . 13.52 -8.72 -24.83
O7 NDG C . 19.21 -4.27 -24.46
N2 NDG C . 17.94 -3.80 -26.19
C1 NAG D . 17.36 6.11 -17.17
C2 NAG D . 16.59 7.21 -16.42
C3 NAG D . 16.71 8.51 -17.21
C4 NAG D . 18.21 8.75 -17.39
C5 NAG D . 18.83 7.64 -18.22
C6 NAG D . 20.33 7.81 -18.38
C7 NAG D . 14.47 6.80 -15.10
C8 NAG D . 15.10 7.47 -13.90
N2 NAG D . 15.18 6.85 -16.27
O3 NAG D . 16.05 9.51 -16.42
O4 NAG D . 18.55 9.96 -18.06
O5 NAG D . 18.70 6.47 -17.46
O6 NAG D . 21.15 7.60 -17.22
O7 NAG D . 13.34 6.27 -14.99
C1 NAG D . 18.83 11.00 -17.20
C2 NAG D . 20.04 11.88 -17.54
C3 NAG D . 20.01 13.20 -16.69
C4 NAG D . 18.77 13.41 -15.74
C5 NAG D . 17.54 12.48 -15.95
C6 NAG D . 17.22 11.46 -14.80
C7 NAG D . 19.81 11.38 -20.07
C8 NAG D . 20.63 10.35 -20.76
N2 NAG D . 20.37 12.05 -19.01
O3 NAG D . 20.24 14.40 -17.53
O4 NAG D . 19.10 13.40 -14.29
O5 NAG D . 17.63 11.77 -17.15
O6 NAG D . 15.83 11.29 -15.09
O7 NAG D . 18.67 11.53 -20.57
C1 NAG E . -8.41 -9.69 -17.47
C2 NAG E . -9.33 -10.13 -18.59
C3 NAG E . -8.94 -11.45 -19.19
C4 NAG E . -7.55 -11.17 -19.78
C5 NAG E . -6.63 -10.79 -18.60
C6 NAG E . -5.19 -10.45 -19.02
C7 NAG E . -11.39 -9.03 -18.53
C8 NAG E . -10.65 -7.99 -19.33
N2 NAG E . -10.70 -10.10 -18.17
O3 NAG E . -9.91 -11.78 -20.21
O4 NAG E . -7.01 -12.31 -20.50
O5 NAG E . -7.11 -9.57 -18.01
O6 NAG E . -5.06 -9.19 -19.65
O7 NAG E . -12.57 -8.90 -18.28
C1 BZS F . -3.45 6.16 -2.65
C2 BZS F . -2.10 6.83 -2.94
CA BZS F . -0.85 5.93 -2.79
C BZS F . -0.85 5.18 -1.49
CB BZS F . 0.47 6.68 -2.86
CG BZS F . 0.54 7.82 -1.90
CD1 BZS F . 0.74 7.62 -0.54
CD2 BZS F . 0.37 9.12 -2.41
CE1 BZS F . 0.78 8.74 0.28
CE2 BZS F . 0.46 10.26 -1.61
CZ BZS F . 0.65 10.04 -0.23
O1 BZS F . -3.73 4.99 -3.14
O2 BZS F . -4.23 6.81 -1.97
O3 BZS F . -0.10 4.21 -1.44
O4 BZS F . -1.52 5.62 -0.55
#